data_5XQW
#
_entry.id   5XQW
#
_cell.length_a   44.942
_cell.length_b   61.904
_cell.length_c   70.959
_cell.angle_alpha   90.00
_cell.angle_beta   92.55
_cell.angle_gamma   90.00
#
_symmetry.space_group_name_H-M   'P 1 21 1'
#
loop_
_entity.id
_entity.type
_entity.pdbx_description
1 polymer 'Fab fragment of catalytic antibody 7B9, light chain'
2 polymer 'Fab fragment of catalytic antibody 7B9, heavy chain'
3 non-polymer 'ethyl-[(4-nitrophenyl)methoxy]phosphinic acid'
4 water water
#
loop_
_entity_poly.entity_id
_entity_poly.type
_entity_poly.pdbx_seq_one_letter_code
_entity_poly.pdbx_strand_id
1 'polypeptide(L)'
;DILMTQQPSSMSVSLGDTVTITCHASQGIRSNIGWLQQKPGKSFKGLIYLGTNLEDEVPSRFSGSGSGADYSLTISSLES
EDFADYYCVQYAQFPRTFGGGTRLEIKRADAAPTVSIFPPSSEQLTSGGASVVCFLNNFYPKDINVKWKIDGSERQNGVL
NSWTDQDSKDSTYSMSSTLTLTKDEYERHNSYTCEATHKTSTSPIVKSFNR
;
L
2 'polypeptide(L)'
;EVQLQQSGPELEKPGASVKISCKASGYSFTDYNMNWVKQSNGKCLEWIGNIDPYYGSTKYNQKFEDKATLTVDKSSSTAY
MQLKSLTSEDSAIYYCVRSNKYTGSVYWGQGTTLTVSSAKTTPPSVYPLAPGCGDTTGSSVTLGCLVKGYFPESVTVTWN
SGSLSSSVHTFPALLQSGLYTMSSSVTVPSSTWPSQTVTCSVAHPASSTTVDKKLEP
;
H
#
loop_
_chem_comp.id
_chem_comp.type
_chem_comp.name
_chem_comp.formula
8EU non-polymer 'ethyl-[(4-nitrophenyl)methoxy]phosphinic acid' 'C9 H12 N O5 P'
#
# COMPACT_ATOMS: atom_id res chain seq x y z
N ASP A 1 -2.39 17.24 21.24
CA ASP A 1 -2.60 15.83 20.82
C ASP A 1 -1.49 14.93 21.36
N ILE A 2 -1.85 13.82 22.02
CA ILE A 2 -0.84 12.85 22.50
C ILE A 2 -0.11 12.17 21.32
N LEU A 3 1.20 12.29 21.31
CA LEU A 3 1.95 11.66 20.27
C LEU A 3 2.32 10.26 20.76
N MET A 4 2.21 9.27 19.86
CA MET A 4 2.61 7.90 20.17
C MET A 4 3.77 7.51 19.27
N THR A 5 4.94 7.33 19.87
CA THR A 5 6.11 6.93 19.07
C THR A 5 6.24 5.42 19.19
N GLN A 6 6.26 4.76 18.06
CA GLN A 6 6.26 3.32 18.00
C GLN A 6 7.57 2.89 17.37
N GLN A 7 8.26 1.95 18.04
CA GLN A 7 9.59 1.39 17.67
C GLN A 7 9.57 -0.19 17.65
N PRO A 8 10.17 -0.82 16.64
CA PRO A 8 10.77 -0.14 15.47
C PRO A 8 9.70 0.01 14.41
N SER A 9 9.96 0.79 13.36
CA SER A 9 8.98 0.92 12.28
C SER A 9 8.94 -0.30 11.30
N SER A 10 10.04 -1.05 11.21
CA SER A 10 10.01 -2.34 10.53
C SER A 10 11.15 -3.18 11.02
N MET A 11 10.98 -4.49 10.98
CA MET A 11 12.02 -5.41 11.48
C MET A 11 11.86 -6.70 10.69
N SER A 12 12.99 -7.25 10.25
CA SER A 12 13.08 -8.57 9.59
C SER A 12 13.31 -9.60 10.65
N VAL A 13 12.42 -10.58 10.75
CA VAL A 13 12.47 -11.52 11.86
C VAL A 13 12.26 -12.91 11.29
N SER A 14 12.38 -13.90 12.19
CA SER A 14 12.32 -15.32 11.81
C SER A 14 11.34 -16.03 12.70
N LEU A 15 10.80 -17.13 12.18
CA LEU A 15 9.91 -18.02 12.90
C LEU A 15 10.59 -18.44 14.20
N GLY A 16 9.84 -18.44 15.31
CA GLY A 16 10.37 -18.85 16.59
C GLY A 16 11.06 -17.73 17.36
N ASP A 17 11.21 -16.55 16.74
CA ASP A 17 11.82 -15.41 17.44
C ASP A 17 10.89 -14.91 18.57
N THR A 18 11.49 -14.19 19.49
CA THR A 18 10.73 -13.46 20.46
C THR A 18 10.88 -12.03 20.03
N VAL A 19 9.76 -11.35 19.73
CA VAL A 19 9.83 -9.99 19.17
C VAL A 19 9.11 -9.02 20.09
N THR A 20 9.70 -7.85 20.28
CA THR A 20 9.15 -6.84 21.18
C THR A 20 8.94 -5.57 20.34
N ILE A 21 7.74 -5.01 20.40
CA ILE A 21 7.44 -3.70 19.83
C ILE A 21 7.13 -2.74 20.99
N THR A 22 7.69 -1.56 20.92
CA THR A 22 7.59 -0.55 21.98
C THR A 22 6.64 0.57 21.53
N CYS A 23 5.96 1.16 22.49
CA CYS A 23 5.15 2.29 22.16
C CYS A 23 5.39 3.29 23.27
N HIS A 24 5.95 4.44 22.91
CA HIS A 24 6.23 5.52 23.87
C HIS A 24 5.24 6.68 23.67
N ALA A 25 4.51 7.03 24.73
CA ALA A 25 3.52 8.10 24.65
C ALA A 25 4.10 9.43 25.19
N SER A 26 3.70 10.55 24.61
CA SER A 26 4.22 11.85 25.01
C SER A 26 3.73 12.31 26.41
N GLN A 27 2.81 11.55 27.03
CA GLN A 27 2.49 11.68 28.46
C GLN A 27 1.90 10.37 28.97
N GLY A 28 1.74 10.25 30.30
CA GLY A 28 1.26 9.04 30.94
C GLY A 28 -0.14 8.81 30.41
N ILE A 29 -0.47 7.57 30.04
CA ILE A 29 -1.77 7.26 29.47
C ILE A 29 -2.53 6.25 30.26
N ARG A 30 -2.00 5.93 31.45
CA ARG A 30 -2.69 5.17 32.47
C ARG A 30 -3.19 3.83 31.94
N SER A 31 -2.38 3.19 31.10
CA SER A 31 -2.68 1.86 30.55
C SER A 31 -3.86 1.87 29.59
N ASN A 32 -4.27 3.02 29.07
CA ASN A 32 -5.40 3.11 28.17
C ASN A 32 -4.83 3.06 26.80
N ILE A 33 -4.32 1.86 26.47
CA ILE A 33 -3.58 1.60 25.22
C ILE A 33 -4.03 0.26 24.63
N GLY A 34 -4.19 0.22 23.32
CA GLY A 34 -4.55 -1.01 22.60
C GLY A 34 -3.45 -1.32 21.63
N TRP A 35 -3.33 -2.59 21.30
CA TRP A 35 -2.49 -3.05 20.22
C TRP A 35 -3.35 -3.70 19.15
N LEU A 36 -2.99 -3.50 17.89
CA LEU A 36 -3.79 -3.87 16.73
C LEU A 36 -2.89 -4.53 15.71
N GLN A 37 -3.41 -5.53 15.00
CA GLN A 37 -2.72 -6.20 13.87
C GLN A 37 -3.50 -6.00 12.58
N GLN A 38 -2.79 -5.69 11.51
CA GLN A 38 -3.34 -5.73 10.18
C GLN A 38 -2.48 -6.68 9.34
N LYS A 39 -3.07 -7.78 8.90
CA LYS A 39 -2.32 -8.78 8.13
C LYS A 39 -2.38 -8.29 6.71
N PRO A 40 -1.47 -8.78 5.85
CA PRO A 40 -1.44 -8.17 4.51
C PRO A 40 -2.76 -8.40 3.73
N GLY A 41 -3.32 -7.34 3.12
CA GLY A 41 -4.57 -7.40 2.34
C GLY A 41 -5.84 -7.70 3.14
N LYS A 42 -5.85 -7.21 4.38
CA LYS A 42 -6.93 -7.45 5.32
C LYS A 42 -7.19 -6.18 6.11
N SER A 43 -8.24 -6.23 6.93
CA SER A 43 -8.53 -5.14 7.88
C SER A 43 -7.78 -5.42 9.21
N PHE A 44 -8.27 -4.83 10.30
CA PHE A 44 -7.55 -4.83 11.53
C PHE A 44 -8.20 -5.76 12.51
N LYS A 45 -7.42 -6.19 13.49
CA LYS A 45 -7.91 -7.08 14.51
C LYS A 45 -7.32 -6.52 15.78
N GLY A 46 -8.12 -6.40 16.83
CA GLY A 46 -7.60 -5.99 18.13
C GLY A 46 -6.85 -7.15 18.75
N LEU A 47 -5.71 -6.86 19.37
CA LEU A 47 -4.91 -7.90 20.04
C LEU A 47 -5.02 -7.75 21.53
N ILE A 48 -4.70 -6.56 22.03
CA ILE A 48 -4.63 -6.24 23.47
C ILE A 48 -5.43 -4.96 23.73
N TYR A 49 -6.13 -4.92 24.86
CA TYR A 49 -6.79 -3.71 25.32
C TYR A 49 -6.45 -3.41 26.78
N LEU A 50 -6.53 -2.13 27.15
CA LEU A 50 -6.10 -1.64 28.46
C LEU A 50 -4.73 -2.18 28.85
N GLY A 51 -3.77 -2.07 27.94
CA GLY A 51 -2.40 -2.46 28.24
C GLY A 51 -1.95 -3.92 28.16
N THR A 52 -2.71 -4.79 28.79
CA THR A 52 -2.29 -6.17 29.15
C THR A 52 -3.37 -7.27 28.97
N ASN A 53 -4.59 -6.91 28.51
CA ASN A 53 -5.68 -7.90 28.37
C ASN A 53 -5.85 -8.27 26.91
N LEU A 54 -5.79 -9.56 26.64
CA LEU A 54 -5.87 -10.09 25.30
C LEU A 54 -7.29 -10.03 24.80
N GLU A 55 -7.47 -9.57 23.57
CA GLU A 55 -8.83 -9.59 23.02
C GLU A 55 -9.18 -11.05 22.83
N ASP A 56 -10.42 -11.32 22.45
CA ASP A 56 -10.85 -12.68 22.14
C ASP A 56 -10.09 -13.23 20.92
N GLU A 57 -9.84 -14.56 20.93
CA GLU A 57 -9.18 -15.29 19.81
C GLU A 57 -7.75 -14.82 19.53
N VAL A 58 -7.04 -14.45 20.58
CA VAL A 58 -5.67 -14.02 20.45
C VAL A 58 -4.87 -15.05 21.21
N PRO A 59 -3.92 -15.73 20.54
CA PRO A 59 -3.17 -16.81 21.26
C PRO A 59 -2.19 -16.31 22.29
N SER A 60 -1.77 -17.20 23.19
CA SER A 60 -1.07 -16.85 24.42
C SER A 60 0.34 -16.34 24.18
N ARG A 61 0.88 -16.63 23.00
CA ARG A 61 2.19 -16.15 22.64
C ARG A 61 2.27 -14.61 22.52
N PHE A 62 1.13 -13.93 22.39
CA PHE A 62 1.06 -12.48 22.50
C PHE A 62 0.86 -12.03 23.95
N SER A 63 1.59 -11.02 24.38
CA SER A 63 1.37 -10.36 25.65
C SER A 63 1.69 -8.88 25.52
N GLY A 64 1.01 -8.09 26.31
CA GLY A 64 1.27 -6.67 26.38
C GLY A 64 1.77 -6.32 27.76
N SER A 65 2.60 -5.28 27.84
CA SER A 65 3.11 -4.82 29.17
C SER A 65 3.46 -3.33 29.15
N GLY A 66 3.81 -2.81 30.31
CA GLY A 66 4.17 -1.41 30.47
C GLY A 66 3.16 -0.67 31.32
N SER A 67 3.44 0.61 31.54
CA SER A 67 2.62 1.48 32.39
C SER A 67 3.13 2.91 32.25
N GLY A 68 2.44 3.81 32.91
CA GLY A 68 2.68 5.25 32.72
C GLY A 68 2.61 5.58 31.24
N ALA A 69 3.78 5.76 30.64
CA ALA A 69 3.93 6.22 29.26
C ALA A 69 4.64 5.23 28.35
N ASP A 70 5.02 4.06 28.86
CA ASP A 70 5.93 3.16 28.14
C ASP A 70 5.37 1.77 28.12
N TYR A 71 5.12 1.27 26.91
CA TYR A 71 4.34 0.05 26.72
C TYR A 71 4.95 -0.79 25.65
N SER A 72 4.67 -2.07 25.73
CA SER A 72 5.20 -2.95 24.75
C SER A 72 4.36 -4.22 24.54
N LEU A 73 4.49 -4.75 23.32
CA LEU A 73 3.87 -5.97 22.84
C LEU A 73 4.96 -6.94 22.53
N THR A 74 4.88 -8.12 23.16
CA THR A 74 5.86 -9.18 22.95
C THR A 74 5.16 -10.33 22.27
N ILE A 75 5.80 -10.84 21.24
CA ILE A 75 5.34 -12.05 20.59
C ILE A 75 6.39 -13.09 20.91
N SER A 76 6.00 -14.10 21.67
CA SER A 76 6.91 -15.20 22.03
C SER A 76 6.78 -16.26 20.92
N SER A 77 7.88 -16.93 20.55
CA SER A 77 7.98 -17.82 19.34
C SER A 77 7.10 -17.42 18.15
N LEU A 78 7.59 -16.45 17.38
CA LEU A 78 6.84 -15.90 16.23
C LEU A 78 6.37 -17.02 15.28
N GLU A 79 5.13 -17.00 14.88
CA GLU A 79 4.60 -17.95 13.93
C GLU A 79 4.26 -17.25 12.60
N SER A 80 3.87 -18.03 11.59
CA SER A 80 3.75 -17.56 10.23
C SER A 80 2.71 -16.46 10.05
N GLU A 81 1.57 -16.61 10.68
CA GLU A 81 0.55 -15.56 10.73
C GLU A 81 0.96 -14.22 11.37
N ASP A 82 2.05 -14.20 12.10
CA ASP A 82 2.48 -13.03 12.83
C ASP A 82 3.25 -12.05 11.96
N PHE A 83 3.55 -12.46 10.73
CA PHE A 83 4.13 -11.59 9.72
C PHE A 83 3.08 -10.63 9.21
N ALA A 84 3.07 -9.46 9.85
CA ALA A 84 2.01 -8.48 9.71
C ALA A 84 2.47 -7.10 10.13
N ASP A 85 1.53 -6.15 10.07
CA ASP A 85 1.69 -4.81 10.66
C ASP A 85 1.06 -4.64 12.03
N TYR A 86 1.76 -3.97 12.93
CA TYR A 86 1.25 -3.77 14.29
C TYR A 86 1.18 -2.31 14.63
N TYR A 87 0.08 -1.89 15.30
CA TYR A 87 -0.09 -0.51 15.75
C TYR A 87 -0.58 -0.40 17.20
N CYS A 88 -0.02 0.57 17.95
CA CYS A 88 -0.65 0.98 19.20
C CYS A 88 -1.66 2.13 18.97
N VAL A 89 -2.59 2.23 19.90
CA VAL A 89 -3.58 3.30 19.94
C VAL A 89 -3.85 3.71 21.40
N GLN A 90 -3.80 5.01 21.63
CA GLN A 90 -3.97 5.67 22.93
C GLN A 90 -5.43 6.04 23.08
N TYR A 91 -6.03 5.70 24.21
CA TYR A 91 -7.36 6.22 24.52
C TYR A 91 -7.53 6.86 25.92
N ALA A 92 -6.46 7.50 26.37
CA ALA A 92 -6.46 8.28 27.60
C ALA A 92 -7.03 9.68 27.41
N GLN A 93 -7.03 10.17 26.18
CA GLN A 93 -7.47 11.52 25.88
C GLN A 93 -8.00 11.60 24.47
N PHE A 94 -8.85 12.60 24.20
CA PHE A 94 -9.29 12.93 22.84
C PHE A 94 -8.42 14.00 22.25
N PRO A 95 -8.01 13.88 20.99
CA PRO A 95 -8.31 12.74 20.11
C PRO A 95 -7.49 11.43 20.39
N ARG A 96 -8.09 10.27 20.12
CA ARG A 96 -7.33 9.00 20.10
C ARG A 96 -6.27 9.20 19.04
N THR A 97 -5.10 8.67 19.29
CA THR A 97 -4.01 8.78 18.37
C THR A 97 -3.35 7.42 18.27
N PHE A 98 -2.67 7.20 17.15
CA PHE A 98 -2.05 5.95 16.84
C PHE A 98 -0.54 6.08 16.73
N GLY A 99 0.18 5.02 17.09
CA GLY A 99 1.60 4.85 16.69
C GLY A 99 1.74 4.75 15.16
N GLY A 100 2.93 4.98 14.63
CA GLY A 100 3.19 4.90 13.18
C GLY A 100 3.30 3.49 12.58
N GLY A 101 3.31 2.47 13.43
CA GLY A 101 3.17 1.10 12.98
C GLY A 101 4.51 0.38 13.02
N THR A 102 4.43 -0.94 12.97
CA THR A 102 5.60 -1.78 12.84
C THR A 102 5.26 -2.91 11.86
N ARG A 103 6.05 -3.07 10.82
CA ARG A 103 5.91 -4.18 9.88
C ARG A 103 6.88 -5.26 10.28
N LEU A 104 6.39 -6.48 10.50
CA LEU A 104 7.26 -7.61 10.65
C LEU A 104 7.41 -8.34 9.32
N GLU A 105 8.63 -8.37 8.81
CA GLU A 105 8.91 -8.91 7.49
C GLU A 105 9.79 -10.13 7.69
N ILE A 106 9.80 -10.97 6.65
CA ILE A 106 10.44 -12.25 6.70
C ILE A 106 11.89 -12.07 6.39
N LYS A 107 12.71 -12.46 7.37
CA LYS A 107 14.12 -12.53 7.17
C LYS A 107 14.43 -13.72 6.29
N ARG A 108 15.32 -13.50 5.34
CA ARG A 108 15.81 -14.58 4.53
C ARG A 108 17.20 -14.18 4.09
N ALA A 109 17.81 -15.02 3.27
CA ALA A 109 19.13 -14.79 2.74
C ALA A 109 19.11 -13.67 1.73
N ASP A 110 20.22 -12.96 1.68
CA ASP A 110 20.49 -12.02 0.61
C ASP A 110 20.34 -12.59 -0.85
N ALA A 111 19.90 -11.74 -1.77
CA ALA A 111 19.83 -12.12 -3.19
C ALA A 111 20.07 -10.86 -3.98
N ALA A 112 20.92 -10.99 -4.98
CA ALA A 112 21.24 -9.87 -5.85
C ALA A 112 20.02 -9.64 -6.77
N PRO A 113 19.77 -8.38 -7.11
CA PRO A 113 18.75 -8.14 -8.12
C PRO A 113 19.18 -8.55 -9.54
N THR A 114 18.20 -9.04 -10.29
CA THR A 114 18.29 -9.22 -11.72
C THR A 114 17.72 -7.95 -12.33
N VAL A 115 18.57 -7.21 -13.05
CA VAL A 115 18.24 -5.87 -13.50
C VAL A 115 18.06 -5.87 -15.02
N SER A 116 17.02 -5.20 -15.52
CA SER A 116 16.75 -5.16 -16.95
C SER A 116 16.37 -3.76 -17.30
N ILE A 117 16.92 -3.27 -18.41
CA ILE A 117 16.68 -1.90 -18.91
C ILE A 117 15.91 -1.99 -20.22
N PHE A 118 15.01 -1.03 -20.48
CA PHE A 118 14.14 -1.06 -21.66
C PHE A 118 14.07 0.30 -22.33
N PRO A 119 14.38 0.38 -23.65
CA PRO A 119 14.20 1.67 -24.30
C PRO A 119 12.73 1.95 -24.54
N PRO A 120 12.36 3.21 -24.78
CA PRO A 120 11.00 3.53 -25.18
C PRO A 120 10.55 2.68 -26.36
N SER A 121 9.26 2.39 -26.42
CA SER A 121 8.69 1.69 -27.58
C SER A 121 8.59 2.66 -28.75
N SER A 122 8.50 2.18 -29.97
CA SER A 122 8.17 3.08 -31.07
C SER A 122 6.89 3.92 -30.87
N GLU A 123 5.86 3.26 -30.35
CA GLU A 123 4.49 3.78 -30.27
C GLU A 123 4.40 4.96 -29.32
N GLN A 124 5.10 4.86 -28.19
CA GLN A 124 5.16 5.96 -27.20
C GLN A 124 5.89 7.17 -27.75
N LEU A 125 6.95 6.90 -28.51
CA LEU A 125 7.70 8.00 -29.16
C LEU A 125 6.78 8.79 -30.10
N THR A 126 5.98 8.07 -30.86
CA THR A 126 4.83 8.66 -31.58
C THR A 126 3.96 9.68 -30.78
N SER A 127 3.71 9.39 -29.50
CA SER A 127 2.96 10.28 -28.59
C SER A 127 3.76 11.52 -28.07
N GLY A 128 5.05 11.58 -28.39
CA GLY A 128 5.91 12.66 -27.88
C GLY A 128 6.62 12.38 -26.57
N GLY A 129 6.29 11.25 -25.93
CA GLY A 129 6.87 10.82 -24.65
C GLY A 129 7.92 9.72 -24.86
N ALA A 130 8.77 9.57 -23.85
CA ALA A 130 9.84 8.57 -23.89
C ALA A 130 10.08 8.08 -22.48
N SER A 131 9.63 6.87 -22.18
CA SER A 131 9.79 6.28 -20.85
C SER A 131 10.82 5.18 -20.99
N VAL A 132 11.92 5.34 -20.26
CA VAL A 132 12.93 4.30 -20.13
C VAL A 132 12.60 3.58 -18.82
N VAL A 133 12.62 2.27 -18.84
CA VAL A 133 12.14 1.46 -17.72
C VAL A 133 13.26 0.52 -17.30
N CYS A 134 13.43 0.41 -16.01
CA CYS A 134 14.36 -0.52 -15.46
C CYS A 134 13.65 -1.37 -14.39
N PHE A 135 13.66 -2.69 -14.55
CA PHE A 135 13.17 -3.61 -13.53
C PHE A 135 14.35 -4.11 -12.73
N LEU A 136 14.20 -4.13 -11.42
CA LEU A 136 15.17 -4.79 -10.51
C LEU A 136 14.37 -5.81 -9.75
N ASN A 137 14.68 -7.07 -10.04
CA ASN A 137 13.87 -8.19 -9.68
C ASN A 137 14.50 -9.23 -8.75
N ASN A 138 13.71 -9.63 -7.74
CA ASN A 138 13.98 -10.72 -6.85
C ASN A 138 15.25 -10.49 -6.02
N PHE A 139 15.28 -9.35 -5.32
CA PHE A 139 16.40 -9.00 -4.44
C PHE A 139 16.01 -9.02 -2.93
N TYR A 140 17.00 -9.20 -2.05
CA TYR A 140 16.81 -9.15 -0.58
C TYR A 140 18.18 -8.75 0.02
N PRO A 141 18.25 -7.79 0.97
CA PRO A 141 17.11 -7.11 1.61
C PRO A 141 16.48 -6.02 0.75
N LYS A 142 15.40 -5.43 1.25
CA LYS A 142 14.57 -4.48 0.52
C LYS A 142 15.26 -3.16 0.11
N ASP A 143 16.32 -2.77 0.82
CA ASP A 143 16.94 -1.48 0.58
C ASP A 143 17.76 -1.56 -0.71
N ILE A 144 17.44 -0.67 -1.64
CA ILE A 144 18.16 -0.57 -2.89
C ILE A 144 18.11 0.91 -3.34
N ASN A 145 19.21 1.41 -3.87
CA ASN A 145 19.26 2.79 -4.31
C ASN A 145 19.42 2.74 -5.84
N VAL A 146 18.62 3.53 -6.56
CA VAL A 146 18.69 3.56 -8.01
C VAL A 146 19.11 4.94 -8.54
N LYS A 147 19.95 4.94 -9.57
CA LYS A 147 20.39 6.15 -10.25
C LYS A 147 20.22 5.90 -11.73
N TRP A 148 19.72 6.91 -12.43
CA TRP A 148 19.74 6.94 -13.90
C TRP A 148 20.86 7.82 -14.41
N LYS A 149 21.51 7.37 -15.49
CA LYS A 149 22.63 8.10 -16.14
C LYS A 149 22.38 8.25 -17.65
N ILE A 150 22.40 9.50 -18.14
CA ILE A 150 22.27 9.84 -19.58
C ILE A 150 23.65 10.28 -20.12
N ASP A 151 24.23 9.44 -20.99
CA ASP A 151 25.61 9.62 -21.53
C ASP A 151 26.71 9.68 -20.44
N GLY A 152 26.58 8.82 -19.43
CA GLY A 152 27.45 8.84 -18.26
C GLY A 152 27.29 10.01 -17.28
N SER A 153 26.12 10.66 -17.26
CA SER A 153 25.86 11.77 -16.32
C SER A 153 24.41 11.70 -15.75
N GLU A 154 24.25 11.85 -14.43
CA GLU A 154 22.96 11.56 -13.76
C GLU A 154 21.80 12.49 -14.12
N ARG A 155 20.58 11.95 -14.08
CA ARG A 155 19.32 12.71 -14.06
C ARG A 155 18.39 12.25 -12.92
N GLN A 156 17.89 13.22 -12.13
CA GLN A 156 16.93 12.97 -11.02
C GLN A 156 15.46 13.34 -11.25
N ASN A 157 15.19 14.28 -12.18
CA ASN A 157 13.81 14.72 -12.48
C ASN A 157 13.11 13.73 -13.39
N GLY A 158 11.85 13.40 -13.10
CA GLY A 158 11.02 12.53 -13.97
C GLY A 158 11.22 11.02 -13.80
N VAL A 159 11.70 10.64 -12.62
CA VAL A 159 11.95 9.25 -12.25
C VAL A 159 10.87 8.85 -11.29
N LEU A 160 10.30 7.68 -11.53
CA LEU A 160 9.20 7.14 -10.76
C LEU A 160 9.51 5.70 -10.38
N ASN A 161 9.60 5.45 -9.07
CA ASN A 161 9.94 4.14 -8.51
C ASN A 161 8.78 3.49 -7.78
N SER A 162 8.49 2.23 -8.13
CA SER A 162 7.46 1.46 -7.46
C SER A 162 8.03 0.12 -6.93
N TRP A 163 7.89 -0.15 -5.63
CA TRP A 163 8.40 -1.38 -4.99
C TRP A 163 7.27 -2.36 -4.79
N THR A 164 7.52 -3.64 -5.03
CA THR A 164 6.60 -4.69 -4.58
C THR A 164 6.64 -4.84 -3.05
N ASP A 165 5.62 -5.51 -2.54
CA ASP A 165 5.62 -6.00 -1.18
C ASP A 165 6.46 -7.26 -1.24
N GLN A 166 6.72 -7.82 -0.08
CA GLN A 166 7.52 -9.01 0.03
C GLN A 166 6.84 -10.12 -0.76
N ASP A 167 7.60 -10.83 -1.56
CA ASP A 167 7.06 -11.77 -2.52
C ASP A 167 6.55 -13.02 -1.82
N SER A 168 5.36 -13.47 -2.24
CA SER A 168 4.66 -14.57 -1.56
C SER A 168 5.34 -15.93 -1.77
N LYS A 169 6.24 -16.04 -2.76
CA LYS A 169 6.93 -17.30 -3.04
C LYS A 169 8.42 -17.44 -2.61
N ASP A 170 9.24 -16.40 -2.73
CA ASP A 170 10.67 -16.48 -2.33
C ASP A 170 11.05 -15.45 -1.23
N SER A 171 10.06 -14.68 -0.75
CA SER A 171 10.26 -13.60 0.20
C SER A 171 11.22 -12.46 -0.22
N THR A 172 11.39 -12.27 -1.52
CA THR A 172 12.21 -11.18 -2.03
C THR A 172 11.34 -9.94 -2.36
N TYR A 173 12.00 -8.91 -2.85
CA TYR A 173 11.39 -7.69 -3.28
C TYR A 173 11.75 -7.51 -4.73
N SER A 174 10.92 -6.74 -5.42
CA SER A 174 11.22 -6.27 -6.77
C SER A 174 10.77 -4.85 -6.89
N MET A 175 11.40 -4.09 -7.76
CA MET A 175 10.97 -2.74 -8.08
C MET A 175 11.25 -2.35 -9.50
N SER A 176 10.48 -1.38 -9.98
CA SER A 176 10.66 -0.77 -11.30
C SER A 176 11.06 0.69 -11.16
N SER A 177 11.87 1.18 -12.08
CA SER A 177 12.23 2.59 -12.11
C SER A 177 11.98 3.02 -13.52
N THR A 178 11.28 4.14 -13.65
CA THR A 178 10.89 4.60 -14.95
C THR A 178 11.38 6.03 -15.06
N LEU A 179 12.12 6.33 -16.13
CA LEU A 179 12.61 7.66 -16.42
C LEU A 179 11.80 8.17 -17.57
N THR A 180 11.02 9.22 -17.33
CA THR A 180 10.13 9.78 -18.37
C THR A 180 10.66 11.09 -18.93
N LEU A 181 10.82 11.10 -20.25
CA LEU A 181 11.27 12.26 -20.99
C LEU A 181 10.33 12.58 -22.14
N THR A 182 10.58 13.73 -22.75
CA THR A 182 10.00 14.04 -24.04
C THR A 182 10.86 13.33 -25.08
N LYS A 183 10.28 13.06 -26.25
CA LYS A 183 11.03 12.49 -27.37
C LYS A 183 12.22 13.41 -27.65
N ASP A 184 11.93 14.71 -27.82
CA ASP A 184 12.94 15.77 -28.07
C ASP A 184 14.21 15.55 -27.26
N GLU A 185 13.98 15.51 -25.94
CA GLU A 185 15.03 15.40 -24.95
C GLU A 185 15.73 14.07 -25.13
N TYR A 186 14.93 13.02 -25.33
CA TYR A 186 15.42 11.66 -25.53
C TYR A 186 16.29 11.54 -26.78
N GLU A 187 15.84 12.14 -27.88
CA GLU A 187 16.56 12.02 -29.16
C GLU A 187 17.97 12.59 -29.11
N ARG A 188 18.17 13.60 -28.25
CA ARG A 188 19.45 14.30 -28.09
C ARG A 188 20.63 13.43 -27.62
N HIS A 189 20.35 12.39 -26.83
CA HIS A 189 21.35 11.57 -26.15
C HIS A 189 21.35 10.11 -26.66
N ASN A 190 22.46 9.40 -26.49
CA ASN A 190 22.62 8.06 -27.08
C ASN A 190 22.61 6.90 -26.09
N SER A 191 23.29 7.07 -24.95
CA SER A 191 23.49 5.97 -24.00
C SER A 191 22.66 6.18 -22.75
N TYR A 192 21.98 5.12 -22.35
CA TYR A 192 21.04 5.17 -21.25
C TYR A 192 21.36 4.09 -20.28
N THR A 193 21.48 4.46 -19.00
CA THR A 193 22.01 3.59 -17.96
C THR A 193 21.17 3.62 -16.68
N CYS A 194 20.87 2.42 -16.19
CA CYS A 194 20.16 2.22 -14.94
C CYS A 194 21.15 1.62 -13.95
N GLU A 195 21.34 2.27 -12.80
CA GLU A 195 22.42 1.93 -11.89
C GLU A 195 21.97 1.63 -10.47
N ALA A 196 22.16 0.39 -10.04
CA ALA A 196 21.61 -0.05 -8.76
C ALA A 196 22.72 -0.29 -7.79
N THR A 197 22.54 0.24 -6.57
CA THR A 197 23.37 -0.04 -5.43
C THR A 197 22.61 -0.87 -4.38
N HIS A 198 23.26 -1.93 -3.92
CA HIS A 198 22.62 -2.93 -3.07
C HIS A 198 23.65 -3.67 -2.24
N LYS A 199 23.28 -4.18 -1.08
CA LYS A 199 24.31 -4.81 -0.21
C LYS A 199 25.05 -6.02 -0.79
N THR A 200 24.43 -6.73 -1.72
CA THR A 200 25.04 -7.93 -2.32
C THR A 200 26.20 -7.67 -3.27
N SER A 201 26.57 -6.43 -3.49
CA SER A 201 27.70 -6.13 -4.35
C SER A 201 28.30 -4.79 -3.94
N THR A 202 29.64 -4.73 -3.79
CA THR A 202 30.25 -3.49 -3.32
C THR A 202 30.47 -2.51 -4.48
N SER A 203 30.22 -2.95 -5.71
CA SER A 203 30.16 -2.04 -6.85
C SER A 203 28.73 -2.00 -7.39
N PRO A 204 28.31 -0.89 -8.04
CA PRO A 204 26.97 -0.81 -8.66
C PRO A 204 26.70 -1.91 -9.71
N ILE A 205 25.45 -2.38 -9.83
CA ILE A 205 25.05 -3.20 -10.98
C ILE A 205 24.54 -2.21 -11.99
N VAL A 206 25.15 -2.17 -13.17
CA VAL A 206 24.76 -1.21 -14.22
C VAL A 206 24.12 -1.96 -15.38
N LYS A 207 22.99 -1.44 -15.85
CA LYS A 207 22.41 -1.86 -17.13
C LYS A 207 22.19 -0.66 -18.02
N SER A 208 22.57 -0.84 -19.28
CA SER A 208 22.68 0.22 -20.27
C SER A 208 22.26 -0.26 -21.66
N PHE A 209 21.79 0.69 -22.47
CA PHE A 209 21.70 0.52 -23.94
C PHE A 209 22.16 1.79 -24.69
N ASN A 210 22.41 1.59 -26.00
CA ASN A 210 22.74 2.64 -26.98
C ASN A 210 21.70 2.86 -28.11
N ARG A 211 21.14 4.08 -28.14
CA ARG A 211 20.28 4.56 -29.27
C ARG A 211 21.03 4.70 -30.64
N GLU B 1 -22.58 -13.44 16.31
CA GLU B 1 -21.40 -13.10 15.47
C GLU B 1 -21.44 -11.61 15.20
N VAL B 2 -20.48 -10.89 15.77
CA VAL B 2 -20.39 -9.44 15.56
C VAL B 2 -19.96 -9.20 14.10
N GLN B 3 -20.75 -8.43 13.35
CA GLN B 3 -20.38 -8.00 11.99
C GLN B 3 -20.53 -6.49 11.84
N LEU B 4 -19.55 -5.89 11.23
CA LEU B 4 -19.62 -4.50 10.82
C LEU B 4 -19.35 -4.46 9.33
N GLN B 5 -20.42 -4.35 8.56
CA GLN B 5 -20.37 -4.45 7.11
C GLN B 5 -20.46 -3.05 6.50
N GLN B 6 -19.37 -2.55 5.92
CA GLN B 6 -19.32 -1.20 5.35
C GLN B 6 -19.71 -1.19 3.89
N SER B 7 -20.11 -0.03 3.41
CA SER B 7 -20.38 0.19 2.00
C SER B 7 -19.11 0.16 1.18
N GLY B 8 -19.32 0.15 -0.14
CA GLY B 8 -18.31 -0.18 -1.13
C GLY B 8 -17.42 0.98 -1.54
N PRO B 9 -16.44 0.69 -2.42
CA PRO B 9 -15.44 1.67 -2.81
C PRO B 9 -16.09 2.88 -3.42
N GLU B 10 -15.45 4.04 -3.22
CA GLU B 10 -16.02 5.33 -3.64
C GLU B 10 -14.99 6.06 -4.49
N LEU B 11 -15.51 6.77 -5.50
CA LEU B 11 -14.75 7.60 -6.40
C LEU B 11 -15.52 8.93 -6.59
N GLU B 12 -14.89 10.06 -6.28
CA GLU B 12 -15.61 11.32 -6.33
C GLU B 12 -14.72 12.45 -6.79
N LYS B 13 -15.38 13.53 -7.21
CA LYS B 13 -14.72 14.71 -7.80
C LYS B 13 -14.44 15.69 -6.68
N PRO B 14 -13.37 16.48 -6.79
CA PRO B 14 -13.17 17.40 -5.68
C PRO B 14 -14.36 18.37 -5.50
N GLY B 15 -14.61 18.76 -4.26
CA GLY B 15 -15.74 19.60 -3.91
C GLY B 15 -17.02 18.82 -3.67
N ALA B 16 -17.10 17.57 -4.17
CA ALA B 16 -18.26 16.72 -3.91
C ALA B 16 -18.23 16.15 -2.46
N SER B 17 -19.30 15.41 -2.11
CA SER B 17 -19.51 14.73 -0.83
C SER B 17 -19.73 13.24 -0.98
N VAL B 18 -19.45 12.49 0.07
CA VAL B 18 -19.72 11.04 0.06
C VAL B 18 -20.26 10.59 1.42
N LYS B 19 -21.12 9.56 1.41
CA LYS B 19 -21.68 8.99 2.65
C LYS B 19 -21.41 7.49 2.70
N ILE B 20 -20.65 7.09 3.72
CA ILE B 20 -20.19 5.73 3.94
C ILE B 20 -21.04 5.13 5.09
N SER B 21 -21.55 3.91 4.86
CA SER B 21 -22.39 3.23 5.85
C SER B 21 -21.60 2.09 6.44
N CYS B 22 -21.96 1.77 7.68
CA CYS B 22 -21.36 0.72 8.46
C CYS B 22 -22.50 -0.03 9.12
N LYS B 23 -22.91 -1.13 8.54
CA LYS B 23 -24.03 -1.93 9.07
C LYS B 23 -23.54 -2.89 10.14
N ALA B 24 -24.08 -2.74 11.34
CA ALA B 24 -23.69 -3.54 12.48
C ALA B 24 -24.70 -4.67 12.70
N SER B 25 -24.21 -5.83 13.13
CA SER B 25 -25.11 -6.86 13.58
C SER B 25 -24.44 -7.72 14.64
N GLY B 26 -25.27 -8.45 15.37
CA GLY B 26 -24.81 -9.47 16.28
C GLY B 26 -24.52 -8.92 17.65
N TYR B 27 -24.99 -7.71 17.94
CA TYR B 27 -24.89 -7.15 19.26
C TYR B 27 -25.92 -6.05 19.47
N SER B 28 -25.99 -5.53 20.69
CA SER B 28 -26.93 -4.46 20.98
C SER B 28 -26.29 -3.16 20.50
N PHE B 29 -26.87 -2.54 19.45
CA PHE B 29 -26.21 -1.44 18.72
C PHE B 29 -25.87 -0.22 19.61
N THR B 30 -26.79 0.19 20.49
CA THR B 30 -26.57 1.34 21.36
C THR B 30 -25.55 1.11 22.47
N ASP B 31 -25.22 -0.14 22.74
CA ASP B 31 -24.30 -0.43 23.84
C ASP B 31 -22.84 -0.10 23.62
N TYR B 32 -22.43 0.18 22.37
CA TYR B 32 -20.99 0.39 22.01
C TYR B 32 -20.82 1.67 21.26
N ASN B 33 -19.74 2.41 21.50
CA ASN B 33 -19.48 3.52 20.62
C ASN B 33 -19.07 3.01 19.22
N MET B 34 -19.24 3.87 18.23
CA MET B 34 -18.76 3.64 16.89
C MET B 34 -17.74 4.68 16.53
N ASN B 35 -16.55 4.28 16.10
CA ASN B 35 -15.48 5.22 15.76
C ASN B 35 -15.26 5.11 14.28
N TRP B 36 -14.61 6.11 13.71
CA TRP B 36 -14.23 6.07 12.31
C TRP B 36 -12.76 6.40 12.28
N VAL B 37 -12.02 5.61 11.52
CA VAL B 37 -10.56 5.76 11.42
C VAL B 37 -10.20 5.90 9.98
N LYS B 38 -9.26 6.81 9.71
CA LYS B 38 -8.69 7.01 8.38
C LYS B 38 -7.30 6.41 8.31
N GLN B 39 -7.05 5.67 7.25
CA GLN B 39 -5.71 5.15 6.93
C GLN B 39 -5.30 5.67 5.56
N SER B 40 -4.18 6.39 5.50
CA SER B 40 -3.64 6.95 4.23
C SER B 40 -2.14 6.82 4.22
N ASN B 41 -1.54 6.84 3.02
CA ASN B 41 -0.10 6.56 2.80
C ASN B 41 0.37 5.32 3.53
N GLY B 42 -0.45 4.27 3.48
CA GLY B 42 -0.18 3.02 4.19
C GLY B 42 -0.14 3.07 5.71
N LYS B 43 0.84 3.83 6.24
CA LYS B 43 1.22 3.78 7.66
C LYS B 43 0.56 4.81 8.62
N CYS B 44 -0.23 5.75 8.08
CA CYS B 44 -0.75 6.84 8.84
C CYS B 44 -2.23 6.60 9.20
N LEU B 45 -2.48 6.26 10.48
CA LEU B 45 -3.87 6.05 11.00
C LEU B 45 -4.27 7.25 11.82
N GLU B 46 -5.50 7.72 11.60
CA GLU B 46 -6.04 8.89 12.35
C GLU B 46 -7.46 8.67 12.82
N TRP B 47 -7.74 9.02 14.07
CA TRP B 47 -9.09 8.86 14.62
C TRP B 47 -9.84 10.10 14.19
N ILE B 48 -10.93 9.88 13.46
CA ILE B 48 -11.75 10.95 12.89
C ILE B 48 -12.71 11.40 13.97
N GLY B 49 -13.40 10.46 14.58
CA GLY B 49 -14.39 10.76 15.64
C GLY B 49 -15.11 9.53 16.15
N ASN B 50 -16.00 9.71 17.13
CA ASN B 50 -16.95 8.69 17.53
C ASN B 50 -18.37 9.24 17.69
N ILE B 51 -19.29 8.30 17.81
CA ILE B 51 -20.66 8.61 18.07
C ILE B 51 -21.10 7.55 19.05
N ASP B 52 -21.77 7.98 20.10
CA ASP B 52 -22.45 7.08 21.02
C ASP B 52 -23.82 6.93 20.40
N PRO B 53 -24.13 5.77 19.80
CA PRO B 53 -25.48 5.66 19.22
C PRO B 53 -26.67 5.80 20.20
N TYR B 54 -26.43 5.66 21.53
CA TYR B 54 -27.51 5.80 22.54
C TYR B 54 -27.99 7.26 22.70
N TYR B 55 -27.06 8.18 22.88
CA TYR B 55 -27.35 9.62 22.90
C TYR B 55 -27.45 10.24 21.49
N GLY B 56 -26.81 9.61 20.49
CA GLY B 56 -26.55 10.24 19.19
C GLY B 56 -25.50 11.33 19.28
N SER B 57 -24.75 11.37 20.39
CA SER B 57 -23.84 12.48 20.65
C SER B 57 -22.49 12.09 20.06
N THR B 58 -21.70 13.07 19.65
CA THR B 58 -20.58 12.86 18.77
C THR B 58 -19.38 13.57 19.35
N LYS B 59 -18.20 13.04 19.08
CA LYS B 59 -16.97 13.71 19.50
C LYS B 59 -16.09 13.70 18.26
N TYR B 60 -15.37 14.78 18.00
CA TYR B 60 -14.58 14.89 16.78
C TYR B 60 -13.15 15.26 17.10
N ASN B 61 -12.22 14.64 16.38
CA ASN B 61 -10.89 15.19 16.21
C ASN B 61 -11.05 16.55 15.56
N GLN B 62 -10.37 17.55 16.13
CA GLN B 62 -10.30 18.94 15.63
C GLN B 62 -10.08 18.98 14.11
N LYS B 63 -9.11 18.19 13.65
CA LYS B 63 -8.69 18.19 12.26
C LYS B 63 -9.85 17.83 11.30
N PHE B 64 -10.90 17.15 11.80
CA PHE B 64 -11.97 16.67 10.93
C PHE B 64 -13.31 17.34 11.23
N GLU B 65 -13.31 18.34 12.12
CA GLU B 65 -14.52 19.05 12.62
C GLU B 65 -15.61 19.32 11.58
N ASP B 66 -15.24 19.89 10.45
CA ASP B 66 -16.22 20.17 9.40
C ASP B 66 -16.11 19.26 8.18
N LYS B 67 -15.09 18.40 8.17
CA LYS B 67 -14.97 17.41 7.10
C LYS B 67 -16.02 16.30 7.26
N ALA B 68 -16.21 15.84 8.49
CA ALA B 68 -16.88 14.58 8.73
C ALA B 68 -18.14 14.80 9.52
N THR B 69 -19.15 14.02 9.23
CA THR B 69 -20.36 14.09 9.99
C THR B 69 -20.84 12.69 10.24
N LEU B 70 -20.72 12.29 11.49
CA LEU B 70 -21.13 11.00 11.97
C LEU B 70 -22.56 11.04 12.48
N THR B 71 -23.37 10.10 12.03
CA THR B 71 -24.73 9.91 12.51
C THR B 71 -24.93 8.43 12.61
N VAL B 72 -26.02 8.04 13.24
CA VAL B 72 -26.49 6.69 13.22
C VAL B 72 -27.93 6.72 12.83
N ASP B 73 -28.42 5.55 12.43
CA ASP B 73 -29.82 5.28 12.27
C ASP B 73 -30.04 4.15 13.25
N LYS B 74 -30.54 4.46 14.43
CA LYS B 74 -30.64 3.47 15.50
C LYS B 74 -31.58 2.36 15.09
N SER B 75 -32.50 2.64 14.17
CA SER B 75 -33.51 1.65 13.76
C SER B 75 -33.02 0.60 12.76
N SER B 76 -32.05 0.94 11.92
CA SER B 76 -31.46 -0.06 11.01
C SER B 76 -30.07 -0.50 11.48
N SER B 77 -29.70 -0.16 12.72
CA SER B 77 -28.38 -0.49 13.29
C SER B 77 -27.20 -0.12 12.41
N THR B 78 -27.25 1.08 11.88
CA THR B 78 -26.33 1.50 10.89
C THR B 78 -25.71 2.81 11.33
N ALA B 79 -24.37 2.87 11.23
CA ALA B 79 -23.62 4.12 11.45
C ALA B 79 -23.23 4.62 10.09
N TYR B 80 -23.20 5.94 9.94
CA TYR B 80 -22.79 6.63 8.74
C TYR B 80 -21.71 7.64 9.05
N MET B 81 -20.82 7.86 8.08
CA MET B 81 -19.89 8.96 8.13
C MET B 81 -19.99 9.65 6.78
N GLN B 82 -20.29 10.95 6.84
CA GLN B 82 -20.45 11.81 5.67
C GLN B 82 -19.21 12.68 5.56
N LEU B 83 -18.56 12.66 4.41
CA LEU B 83 -17.38 13.49 4.16
C LEU B 83 -17.73 14.50 3.09
N LYS B 84 -17.42 15.75 3.34
CA LYS B 84 -17.87 16.81 2.47
C LYS B 84 -16.71 17.64 1.94
N SER B 85 -17.01 18.36 0.86
CA SER B 85 -16.07 19.21 0.15
C SER B 85 -14.74 18.49 -0.06
N LEU B 86 -14.88 17.33 -0.69
CA LEU B 86 -13.79 16.38 -0.77
C LEU B 86 -12.62 16.90 -1.53
N THR B 87 -11.42 16.60 -1.03
CA THR B 87 -10.18 16.92 -1.75
C THR B 87 -9.41 15.65 -2.01
N SER B 88 -8.48 15.75 -2.95
CA SER B 88 -7.38 14.83 -3.11
C SER B 88 -6.85 14.26 -1.73
N GLU B 89 -6.73 15.11 -0.71
CA GLU B 89 -6.18 14.69 0.60
C GLU B 89 -7.15 13.73 1.33
N ASP B 90 -8.38 13.62 0.84
CA ASP B 90 -9.36 12.75 1.46
C ASP B 90 -9.28 11.31 0.96
N SER B 91 -8.53 11.06 -0.10
CA SER B 91 -8.41 9.74 -0.65
C SER B 91 -7.67 8.88 0.37
N ALA B 92 -8.32 7.81 0.79
CA ALA B 92 -7.82 6.97 1.82
C ALA B 92 -8.68 5.72 2.01
N ILE B 93 -8.37 4.95 3.04
CA ILE B 93 -9.28 3.89 3.49
C ILE B 93 -9.91 4.32 4.82
N TYR B 94 -11.23 4.13 4.94
CA TYR B 94 -11.99 4.54 6.10
C TYR B 94 -12.55 3.31 6.72
N TYR B 95 -12.39 3.20 8.05
CA TYR B 95 -12.92 2.07 8.80
C TYR B 95 -13.93 2.56 9.84
N CYS B 96 -15.06 1.86 10.02
CA CYS B 96 -15.83 2.01 11.27
C CYS B 96 -15.27 1.03 12.28
N VAL B 97 -15.32 1.42 13.54
CA VAL B 97 -14.61 0.69 14.58
C VAL B 97 -15.51 0.76 15.80
N ARG B 98 -16.12 -0.38 16.17
CA ARG B 98 -16.90 -0.49 17.38
C ARG B 98 -15.93 -0.60 18.53
N SER B 99 -16.18 0.20 19.59
CA SER B 99 -15.41 0.11 20.83
C SER B 99 -16.32 -0.08 22.04
N ASN B 100 -15.83 -0.88 22.96
CA ASN B 100 -16.45 -1.08 24.25
C ASN B 100 -16.34 0.24 25.06
N LYS B 101 -17.48 0.75 25.50
CA LYS B 101 -17.56 2.02 26.21
C LYS B 101 -16.76 2.04 27.51
N TYR B 102 -16.49 0.88 28.08
CA TYR B 102 -15.77 0.75 29.37
C TYR B 102 -14.34 0.30 29.23
N THR B 103 -14.04 -0.56 28.23
CA THR B 103 -12.68 -1.17 28.12
C THR B 103 -11.89 -0.70 26.94
N GLY B 104 -12.54 -0.11 25.93
CA GLY B 104 -11.81 0.25 24.70
C GLY B 104 -11.42 -0.91 23.79
N SER B 105 -11.96 -2.09 24.11
CA SER B 105 -11.89 -3.27 23.29
C SER B 105 -12.56 -2.97 21.96
N VAL B 106 -11.98 -3.46 20.87
CA VAL B 106 -12.39 -3.01 19.53
C VAL B 106 -12.72 -4.14 18.58
N TYR B 107 -13.67 -3.86 17.69
CA TYR B 107 -13.92 -4.69 16.51
C TYR B 107 -14.07 -3.76 15.27
N TRP B 108 -13.32 -4.13 14.23
CA TRP B 108 -13.17 -3.31 13.00
C TRP B 108 -13.97 -3.84 11.78
N GLY B 109 -14.52 -2.91 11.01
CA GLY B 109 -15.19 -3.23 9.75
C GLY B 109 -14.15 -3.44 8.68
N GLN B 110 -14.60 -3.83 7.47
CA GLN B 110 -13.66 -4.23 6.45
C GLN B 110 -12.96 -3.07 5.76
N GLY B 111 -13.45 -1.85 5.98
CA GLY B 111 -12.84 -0.70 5.37
C GLY B 111 -13.47 -0.38 4.03
N THR B 112 -13.41 0.90 3.68
CA THR B 112 -13.95 1.47 2.46
C THR B 112 -12.90 2.40 1.85
N THR B 113 -12.54 2.13 0.61
CA THR B 113 -11.54 2.93 -0.11
C THR B 113 -12.26 4.14 -0.76
N LEU B 114 -11.77 5.35 -0.53
CA LEU B 114 -12.22 6.54 -1.27
C LEU B 114 -11.06 7.12 -2.05
N THR B 115 -11.36 7.48 -3.30
CA THR B 115 -10.44 8.09 -4.21
C THR B 115 -11.12 9.40 -4.68
N VAL B 116 -10.47 10.54 -4.43
CA VAL B 116 -10.97 11.81 -4.87
C VAL B 116 -10.10 12.30 -5.99
N SER B 117 -10.72 12.58 -7.13
CA SER B 117 -9.99 13.03 -8.29
C SER B 117 -10.86 13.81 -9.28
N SER B 118 -10.16 14.73 -9.94
CA SER B 118 -10.72 15.51 -11.01
C SER B 118 -10.79 14.76 -12.33
N ALA B 119 -10.11 13.61 -12.44
CA ALA B 119 -10.01 12.89 -13.72
C ALA B 119 -11.29 12.21 -14.16
N LYS B 120 -11.54 12.25 -15.45
CA LYS B 120 -12.61 11.46 -16.04
C LYS B 120 -11.96 10.16 -16.47
N THR B 121 -12.79 9.15 -16.64
CA THR B 121 -12.39 7.83 -16.97
C THR B 121 -11.58 7.88 -18.27
N THR B 122 -10.47 7.17 -18.30
CA THR B 122 -9.50 7.27 -19.39
C THR B 122 -8.83 5.91 -19.60
N PRO B 123 -8.92 5.32 -20.80
CA PRO B 123 -8.28 4.03 -21.07
C PRO B 123 -6.75 4.13 -21.12
N PRO B 124 -6.06 3.00 -20.88
CA PRO B 124 -4.61 3.08 -20.80
C PRO B 124 -3.97 3.09 -22.20
N SER B 125 -2.77 3.66 -22.29
CA SER B 125 -1.85 3.36 -23.39
C SER B 125 -0.94 2.22 -22.90
N VAL B 126 -0.77 1.17 -23.72
CA VAL B 126 0.02 0.00 -23.34
C VAL B 126 1.18 -0.13 -24.30
N TYR B 127 2.39 0.08 -23.77
CA TYR B 127 3.63 0.05 -24.54
C TYR B 127 4.47 -1.21 -24.21
N PRO B 128 4.91 -1.97 -25.24
CA PRO B 128 5.75 -3.16 -25.01
C PRO B 128 7.10 -2.76 -24.43
N LEU B 129 7.67 -3.59 -23.56
CA LEU B 129 9.05 -3.35 -23.12
C LEU B 129 9.84 -4.54 -23.60
N ALA B 130 10.52 -4.38 -24.74
CA ALA B 130 11.48 -5.38 -25.23
C ALA B 130 12.87 -4.80 -25.07
N PRO B 131 13.89 -5.67 -24.90
CA PRO B 131 15.27 -5.18 -24.82
C PRO B 131 15.81 -4.48 -26.11
N GLY B 132 16.81 -3.61 -25.94
CA GLY B 132 17.44 -2.85 -27.06
C GLY B 132 18.22 -3.66 -28.08
N THR B 137 23.95 -14.30 -24.67
CA THR B 137 23.35 -13.12 -24.06
C THR B 137 22.72 -13.54 -22.69
N GLY B 138 22.11 -14.74 -22.65
CA GLY B 138 21.64 -15.44 -21.44
C GLY B 138 20.48 -16.40 -21.74
N SER B 139 20.22 -17.39 -20.87
CA SER B 139 19.14 -18.41 -21.11
C SER B 139 17.68 -18.03 -20.73
N SER B 140 17.48 -16.89 -20.09
CA SER B 140 16.12 -16.38 -20.00
C SER B 140 16.12 -14.89 -20.28
N VAL B 141 14.94 -14.36 -20.53
CA VAL B 141 14.79 -12.98 -20.97
C VAL B 141 13.60 -12.35 -20.29
N THR B 142 13.79 -11.12 -19.83
CA THR B 142 12.73 -10.43 -19.15
C THR B 142 12.15 -9.42 -20.15
N LEU B 143 10.83 -9.38 -20.23
CA LEU B 143 10.12 -8.40 -21.04
C LEU B 143 9.16 -7.73 -20.10
N GLY B 144 8.48 -6.70 -20.59
CA GLY B 144 7.51 -5.95 -19.77
C GLY B 144 6.43 -5.22 -20.57
N CYS B 145 5.46 -4.65 -19.88
CA CYS B 145 4.46 -3.78 -20.50
C CYS B 145 4.29 -2.61 -19.60
N LEU B 146 4.30 -1.43 -20.21
CA LEU B 146 4.09 -0.20 -19.49
C LEU B 146 2.67 0.20 -19.77
N VAL B 147 1.89 0.35 -18.71
CA VAL B 147 0.45 0.61 -18.81
C VAL B 147 0.25 2.05 -18.31
N LYS B 148 0.07 2.99 -19.25
CA LYS B 148 0.22 4.41 -18.97
C LYS B 148 -1.04 5.26 -19.20
N GLY B 149 -1.29 6.17 -18.28
CA GLY B 149 -2.30 7.22 -18.48
C GLY B 149 -3.75 6.81 -18.39
N TYR B 150 -4.05 5.96 -17.42
CA TYR B 150 -5.42 5.48 -17.23
C TYR B 150 -6.03 6.01 -15.94
N PHE B 151 -7.37 5.95 -15.86
CA PHE B 151 -8.16 6.35 -14.69
C PHE B 151 -9.58 5.78 -14.81
N PRO B 152 -10.20 5.36 -13.70
CA PRO B 152 -9.57 5.18 -12.38
C PRO B 152 -8.73 3.92 -12.38
N GLU B 153 -8.18 3.59 -11.24
CA GLU B 153 -7.73 2.23 -10.97
C GLU B 153 -8.99 1.30 -10.96
N SER B 154 -8.83 0.02 -11.28
CA SER B 154 -7.55 -0.63 -11.56
C SER B 154 -7.61 -1.39 -12.87
N VAL B 155 -6.49 -2.00 -13.20
CA VAL B 155 -6.32 -2.78 -14.40
C VAL B 155 -5.82 -4.17 -14.05
N THR B 156 -6.02 -5.11 -14.95
CA THR B 156 -5.49 -6.43 -14.83
C THR B 156 -4.49 -6.64 -15.96
N VAL B 157 -3.27 -7.11 -15.64
CA VAL B 157 -2.30 -7.48 -16.66
C VAL B 157 -2.10 -8.97 -16.66
N THR B 158 -2.34 -9.59 -17.82
CA THR B 158 -2.11 -11.03 -18.02
C THR B 158 -1.21 -11.30 -19.24
N TRP B 159 -0.32 -12.27 -19.08
CA TRP B 159 0.70 -12.59 -20.04
C TRP B 159 0.38 -13.97 -20.59
N ASN B 160 0.41 -14.09 -21.93
CA ASN B 160 -0.16 -15.21 -22.73
C ASN B 160 -1.30 -16.00 -22.05
N SER B 161 -2.13 -15.28 -21.28
CA SER B 161 -3.11 -15.87 -20.34
C SER B 161 -2.54 -16.80 -19.21
N GLY B 162 -1.23 -17.14 -19.23
CA GLY B 162 -0.62 -18.13 -18.30
C GLY B 162 0.74 -18.67 -18.79
N SER B 166 2.80 -16.88 -13.04
CA SER B 166 3.99 -17.50 -12.56
C SER B 166 5.18 -16.92 -13.36
N SER B 167 6.19 -16.37 -12.66
CA SER B 167 7.30 -15.56 -13.23
C SER B 167 6.93 -14.10 -13.66
N VAL B 168 5.77 -13.61 -13.20
CA VAL B 168 5.33 -12.21 -13.44
C VAL B 168 5.50 -11.38 -12.16
N HIS B 169 5.97 -10.15 -12.31
CA HIS B 169 5.90 -9.14 -11.26
C HIS B 169 5.01 -8.03 -11.70
N THR B 170 4.15 -7.61 -10.78
CA THR B 170 3.17 -6.58 -11.04
C THR B 170 3.45 -5.48 -10.03
N PHE B 171 3.81 -4.32 -10.52
CA PHE B 171 4.24 -3.21 -9.69
C PHE B 171 3.08 -2.29 -9.44
N PRO B 172 2.83 -1.90 -8.16
CA PRO B 172 1.80 -0.94 -7.75
C PRO B 172 1.73 0.30 -8.63
N ALA B 173 0.53 0.77 -8.94
CA ALA B 173 0.34 1.94 -9.81
C ALA B 173 0.76 3.22 -9.11
N LEU B 174 1.24 4.19 -9.89
CA LEU B 174 1.57 5.51 -9.41
C LEU B 174 0.89 6.59 -10.20
N LEU B 175 0.70 7.72 -9.53
CA LEU B 175 -0.17 8.79 -10.01
C LEU B 175 0.55 9.94 -10.79
N GLN B 176 0.98 9.67 -12.03
CA GLN B 176 1.57 10.73 -12.88
C GLN B 176 0.53 11.74 -13.40
N SER B 177 0.45 12.89 -12.72
CA SER B 177 -0.38 14.06 -13.15
C SER B 177 -1.87 13.74 -13.39
N GLY B 178 -2.53 13.32 -12.33
CA GLY B 178 -3.96 12.95 -12.38
C GLY B 178 -4.29 11.59 -13.00
N LEU B 179 -3.27 10.82 -13.38
CA LEU B 179 -3.47 9.62 -14.15
C LEU B 179 -2.49 8.53 -13.73
N TYR B 180 -2.92 7.28 -13.84
CA TYR B 180 -2.16 6.13 -13.31
C TYR B 180 -1.13 5.54 -14.29
N THR B 181 -0.05 4.99 -13.77
CA THR B 181 0.88 4.20 -14.60
C THR B 181 1.37 3.02 -13.80
N MET B 182 1.34 1.85 -14.40
CA MET B 182 1.99 0.69 -13.81
C MET B 182 2.62 -0.15 -14.89
N SER B 183 3.64 -0.88 -14.49
CA SER B 183 4.35 -1.76 -15.33
C SER B 183 4.24 -3.17 -14.83
N SER B 184 4.49 -4.10 -15.74
CA SER B 184 4.43 -5.53 -15.41
C SER B 184 5.64 -6.14 -16.07
N SER B 185 6.31 -7.07 -15.40
CA SER B 185 7.42 -7.78 -16.01
C SER B 185 7.11 -9.27 -16.11
N VAL B 186 7.72 -9.94 -17.07
CA VAL B 186 7.65 -11.40 -17.21
C VAL B 186 9.03 -11.94 -17.62
N THR B 187 9.46 -13.06 -17.04
CA THR B 187 10.71 -13.72 -17.41
C THR B 187 10.41 -15.04 -18.12
N VAL B 188 10.95 -15.20 -19.33
CA VAL B 188 10.68 -16.39 -20.12
C VAL B 188 11.98 -17.01 -20.63
N PRO B 189 11.92 -18.26 -21.14
CA PRO B 189 13.13 -18.83 -21.76
C PRO B 189 13.50 -18.09 -23.06
N SER B 190 14.78 -17.77 -23.22
CA SER B 190 15.29 -17.14 -24.45
C SER B 190 14.99 -17.97 -25.70
N SER B 191 14.90 -19.29 -25.53
CA SER B 191 14.54 -20.20 -26.63
C SER B 191 13.11 -19.97 -27.12
N THR B 192 12.30 -19.35 -26.26
CA THR B 192 10.85 -19.14 -26.44
C THR B 192 10.49 -17.80 -27.10
N TRP B 193 11.39 -16.82 -26.99
CA TRP B 193 11.23 -15.46 -27.52
C TRP B 193 12.61 -14.92 -27.94
N PRO B 194 12.73 -14.28 -29.12
CA PRO B 194 11.60 -13.89 -29.99
C PRO B 194 10.92 -14.97 -30.81
N SER B 195 11.39 -16.23 -30.72
CA SER B 195 10.97 -17.30 -31.64
C SER B 195 9.47 -17.57 -31.60
N GLN B 196 8.85 -17.47 -30.41
CA GLN B 196 7.36 -17.48 -30.27
C GLN B 196 6.80 -16.17 -29.69
N THR B 197 5.48 -16.06 -29.83
CA THR B 197 4.72 -14.86 -29.51
C THR B 197 4.59 -14.65 -27.97
N VAL B 198 4.89 -13.45 -27.51
CA VAL B 198 4.63 -13.07 -26.12
C VAL B 198 3.80 -11.78 -26.17
N THR B 199 2.68 -11.84 -25.44
CA THR B 199 1.70 -10.79 -25.40
C THR B 199 1.29 -10.44 -23.96
N CYS B 200 1.23 -9.15 -23.64
CA CYS B 200 0.49 -8.72 -22.46
C CYS B 200 -0.90 -8.23 -22.84
N SER B 201 -1.94 -8.71 -22.12
CA SER B 201 -3.31 -8.26 -22.26
C SER B 201 -3.67 -7.39 -21.07
N VAL B 202 -4.17 -6.18 -21.35
CA VAL B 202 -4.47 -5.21 -20.31
C VAL B 202 -5.97 -4.95 -20.36
N ALA B 203 -6.70 -5.42 -19.34
CA ALA B 203 -8.14 -5.17 -19.14
C ALA B 203 -8.38 -3.99 -18.19
N HIS B 204 -9.18 -3.02 -18.63
CA HIS B 204 -9.58 -1.86 -17.82
C HIS B 204 -11.11 -1.76 -17.77
N PRO B 205 -11.76 -2.48 -16.82
CA PRO B 205 -13.23 -2.46 -16.65
C PRO B 205 -13.90 -1.11 -16.92
N ALA B 206 -13.45 -0.08 -16.22
CA ALA B 206 -14.04 1.25 -16.22
C ALA B 206 -14.21 1.90 -17.59
N SER B 207 -13.31 1.58 -18.52
CA SER B 207 -13.38 2.11 -19.88
C SER B 207 -13.83 1.04 -20.89
N SER B 208 -14.14 -0.17 -20.40
CA SER B 208 -14.47 -1.35 -21.22
C SER B 208 -13.40 -1.75 -22.26
N THR B 209 -12.12 -1.58 -21.94
CA THR B 209 -11.06 -1.87 -22.92
C THR B 209 -10.36 -3.17 -22.59
N THR B 210 -10.03 -3.94 -23.61
CA THR B 210 -9.14 -5.09 -23.52
C THR B 210 -8.24 -4.99 -24.75
N VAL B 211 -6.93 -5.08 -24.53
CA VAL B 211 -5.96 -4.77 -25.58
C VAL B 211 -4.69 -5.63 -25.46
N ASP B 212 -4.36 -6.32 -26.54
CA ASP B 212 -3.19 -7.16 -26.62
C ASP B 212 -2.04 -6.41 -27.31
N LYS B 213 -0.86 -6.45 -26.71
CA LYS B 213 0.30 -5.92 -27.37
C LYS B 213 1.26 -7.06 -27.47
N LYS B 214 1.73 -7.37 -28.68
CA LYS B 214 2.72 -8.37 -28.89
C LYS B 214 4.08 -7.74 -28.60
N LEU B 215 4.95 -8.49 -27.93
CA LEU B 215 6.32 -8.02 -27.68
C LEU B 215 7.19 -8.30 -28.89
N GLU B 216 7.63 -7.25 -29.59
CA GLU B 216 8.52 -7.38 -30.75
C GLU B 216 9.98 -7.07 -30.38
N PRO B 217 10.93 -7.86 -30.92
CA PRO B 217 12.37 -7.64 -30.65
C PRO B 217 12.91 -6.36 -31.27
C5 8EU C . -9.96 2.39 21.35
C6 8EU C . -9.48 2.16 20.04
N1 8EU C . -9.57 2.66 17.61
C4 8EU C . -10.95 3.35 21.59
C3 8EU C . -11.45 4.07 20.52
O3 8EU C . -13.72 5.55 23.87
C2 8EU C . -10.99 3.85 19.21
C7 8EU C . -11.51 3.63 23.00
C8 8EU C . -13.81 3.55 25.62
C1 8EU C . -10.00 2.88 18.95
C9 8EU C . -12.96 4.51 26.43
O1 8EU C . -8.72 1.82 17.42
O4 8EU C . -15.43 3.61 23.56
P1 8EU C . -14.05 4.08 23.89
O5 8EU C . -12.89 3.25 23.07
O2 8EU C . -10.00 3.31 16.64
#